data_5EZZ
#
_entry.id   5EZZ
#
_cell.length_a   102.670
_cell.length_b   102.670
_cell.length_c   170.120
_cell.angle_alpha   90.00
_cell.angle_beta   90.00
_cell.angle_gamma   120.00
#
_symmetry.space_group_name_H-M   'P 61 2 2'
#
loop_
_entity.id
_entity.type
_entity.pdbx_description
1 polymer 'Beta-secretase 1'
2 non-polymer (4~{S})-4-[4-[bis(fluoranyl)methoxy]-3-methyl-phenyl]-4-[3-(5-chloranylpyridin-3-yl)phenyl]-5~{H}-1,3-oxazol-2-amine
3 non-polymer 'DIMETHYL SULFOXIDE'
4 non-polymer 'SODIUM ION'
5 water water
#
_entity_poly.entity_id   1
_entity_poly.type   'polypeptide(L)'
_entity_poly.pdbx_seq_one_letter_code
;RGSFVEMVDNLRGKSGQGYYVEMTVGSPPQTLNILVDTGSSNFAVGAAPHPFLHRYYQRQLSSTYRDLRKGVYVPYTQGK
WEGELGTDLVSIPHGPNVTVRANIAAITESDKFFINGSNWEGILGLAYAEIARPDDSLEPFFDSLVKQTHVPNLFSLQLC
GAGFPLNQSEVLASVGGSMIIGGIDHSLYTGSLWYTPIRREWYYEVIIVRVEINGQDLKMDCKEYNYDKSIVDSGTTNLR
LPKKVFEAAVASIKAASSTEKFPDGFWLGEQLVCWQAGTTPWNIFPVISLYLMGEVTNQSFRITILPQQYLRPVEDVATS
QDDCYKFAISQSSTGTVMGAVIMEGFYVVFDRARKRIGFAVSACHVHDEFRTAAVEGPFVTLDMEDCGYN
;
_entity_poly.pdbx_strand_id   A
#
loop_
_chem_comp.id
_chem_comp.type
_chem_comp.name
_chem_comp.formula
5T6 non-polymer (4~{S})-4-[4-[bis(fluoranyl)methoxy]-3-methyl-phenyl]-4-[3-(5-chloranylpyridin-3-yl)phenyl]-5~{H}-1,3-oxazol-2-amine 'C22 H18 Cl F2 N3 O2'
DMS non-polymer 'DIMETHYL SULFOXIDE' 'C2 H6 O S'
NA non-polymer 'SODIUM ION' 'Na 1'
#
# COMPACT_ATOMS: atom_id res chain seq x y z
N ARG A 1 15.26 -19.22 -2.88
CA ARG A 1 15.64 -17.78 -3.07
C ARG A 1 15.53 -17.36 -4.54
N GLY A 2 15.07 -16.12 -4.76
CA GLY A 2 15.09 -15.50 -6.10
C GLY A 2 14.01 -15.86 -7.11
N SER A 3 13.30 -16.97 -6.86
CA SER A 3 12.28 -17.49 -7.79
C SER A 3 11.17 -18.25 -7.04
N PHE A 4 9.93 -17.80 -7.21
CA PHE A 4 8.80 -18.35 -6.46
C PHE A 4 7.56 -18.35 -7.36
N VAL A 5 7.59 -19.21 -8.39
CA VAL A 5 6.60 -19.20 -9.47
C VAL A 5 5.13 -19.41 -8.99
N GLU A 6 4.95 -20.21 -7.94
CA GLU A 6 3.62 -20.50 -7.41
C GLU A 6 2.95 -19.27 -6.72
N MET A 7 3.74 -18.24 -6.41
CA MET A 7 3.23 -17.02 -5.80
C MET A 7 3.03 -15.87 -6.79
N VAL A 8 3.59 -15.99 -7.99
CA VAL A 8 3.40 -14.96 -9.01
C VAL A 8 1.93 -14.88 -9.35
N ASP A 9 1.41 -13.66 -9.48
CA ASP A 9 0.03 -13.41 -9.89
C ASP A 9 -1.03 -13.85 -8.85
N ASN A 10 -0.64 -13.96 -7.60
CA ASN A 10 -1.56 -14.35 -6.53
C ASN A 10 -2.42 -13.21 -5.95
N LEU A 11 -2.31 -11.99 -6.48
CA LEU A 11 -3.13 -10.86 -6.08
C LEU A 11 -4.14 -10.43 -7.14
N ARG A 12 -5.28 -9.93 -6.70
CA ARG A 12 -6.32 -9.42 -7.58
C ARG A 12 -6.89 -8.15 -6.96
N GLY A 13 -7.69 -7.43 -7.72
CA GLY A 13 -8.30 -6.19 -7.22
C GLY A 13 -9.19 -5.44 -8.19
N LYS A 14 -9.89 -4.44 -7.65
CA LYS A 14 -10.55 -3.44 -8.46
C LYS A 14 -9.93 -2.11 -8.10
N SER A 15 -9.63 -1.31 -9.12
CA SER A 15 -9.01 0.01 -8.95
C SER A 15 -9.70 0.82 -7.86
N GLY A 16 -8.91 1.31 -6.91
CA GLY A 16 -9.41 2.12 -5.80
C GLY A 16 -9.97 1.30 -4.65
N GLN A 17 -9.94 -0.03 -4.78
CA GLN A 17 -10.44 -0.91 -3.72
C GLN A 17 -9.36 -1.88 -3.18
N GLY A 18 -8.08 -1.57 -3.43
CA GLY A 18 -6.98 -2.38 -2.91
C GLY A 18 -6.77 -3.75 -3.54
N TYR A 19 -5.72 -4.43 -3.10
CA TYR A 19 -5.33 -5.72 -3.62
C TYR A 19 -5.56 -6.79 -2.55
N TYR A 20 -6.08 -7.94 -2.95
CA TYR A 20 -6.38 -9.03 -2.02
C TYR A 20 -5.77 -10.35 -2.44
N VAL A 21 -5.50 -11.18 -1.43
CA VAL A 21 -4.93 -12.52 -1.62
C VAL A 21 -5.92 -13.55 -1.03
N GLU A 22 -5.96 -14.74 -1.61
CA GLU A 22 -6.77 -15.82 -1.10
C GLU A 22 -6.07 -16.42 0.12
N MET A 23 -6.84 -16.61 1.19
CA MET A 23 -6.37 -17.29 2.39
C MET A 23 -7.40 -18.32 2.86
N THR A 24 -6.97 -19.25 3.71
CA THR A 24 -7.91 -20.16 4.34
C THR A 24 -7.72 -20.07 5.82
N VAL A 25 -8.82 -20.21 6.56
CA VAL A 25 -8.80 -20.20 8.03
C VAL A 25 -9.63 -21.36 8.59
N GLY A 26 -9.20 -21.90 9.73
CA GLY A 26 -9.92 -22.97 10.41
C GLY A 26 -9.75 -24.35 9.81
N SER A 27 -10.32 -25.37 10.49
CA SER A 27 -10.35 -26.73 9.95
C SER A 27 -11.76 -27.31 10.04
N PRO A 28 -12.32 -27.77 8.90
CA PRO A 28 -11.70 -27.77 7.58
C PRO A 28 -11.56 -26.31 7.07
N PRO A 29 -10.74 -26.11 6.01
CA PRO A 29 -10.42 -24.73 5.60
C PRO A 29 -11.58 -23.94 5.01
N GLN A 30 -11.74 -22.72 5.50
CA GLN A 30 -12.69 -21.80 4.89
C GLN A 30 -11.93 -20.77 4.05
N THR A 31 -12.22 -20.71 2.76
CA THR A 31 -11.56 -19.77 1.86
C THR A 31 -12.13 -18.35 1.97
N LEU A 32 -11.24 -17.37 2.13
CA LEU A 32 -11.57 -15.94 2.14
C LEU A 32 -10.62 -15.11 1.27
N ASN A 33 -11.16 -14.03 0.70
CA ASN A 33 -10.33 -13.04 0.03
C ASN A 33 -10.01 -11.93 1.02
N ILE A 34 -8.71 -11.63 1.14
CA ILE A 34 -8.24 -10.81 2.22
C ILE A 34 -7.35 -9.72 1.69
N LEU A 35 -7.69 -8.47 2.04
CA LEU A 35 -6.93 -7.29 1.63
C LEU A 35 -5.51 -7.31 2.19
N VAL A 36 -4.53 -7.15 1.30
CA VAL A 36 -3.13 -7.04 1.69
C VAL A 36 -2.80 -5.59 2.13
N ASP A 37 -2.50 -5.40 3.41
CA ASP A 37 -2.43 -4.07 4.00
C ASP A 37 -1.15 -3.80 4.81
N THR A 38 -0.16 -3.14 4.19
CA THR A 38 1.08 -2.85 4.91
C THR A 38 0.94 -1.64 5.83
N GLY A 39 -0.27 -1.07 5.90
CA GLY A 39 -0.53 0.04 6.80
C GLY A 39 -1.29 -0.27 8.08
N SER A 40 -1.40 -1.54 8.45
CA SER A 40 -2.03 -1.90 9.73
C SER A 40 -1.47 -3.26 10.15
N SER A 41 -1.91 -3.77 11.30
CA SER A 41 -1.25 -4.92 11.92
C SER A 41 -2.18 -6.00 12.48
N ASN A 42 -3.46 -5.93 12.15
CA ASN A 42 -4.43 -6.94 12.57
C ASN A 42 -4.84 -7.79 11.40
N PHE A 43 -4.95 -9.09 11.64
CA PHE A 43 -5.70 -9.97 10.78
C PHE A 43 -7.15 -9.93 11.28
N ALA A 44 -8.00 -9.21 10.56
CA ALA A 44 -9.40 -9.01 10.95
C ALA A 44 -10.30 -9.44 9.79
N VAL A 45 -11.24 -10.35 10.06
CA VAL A 45 -12.13 -10.85 9.03
C VAL A 45 -13.61 -10.74 9.38
N GLY A 46 -14.44 -10.49 8.38
CA GLY A 46 -15.89 -10.56 8.51
C GLY A 46 -16.30 -11.90 9.11
N ALA A 47 -17.15 -11.88 10.13
CA ALA A 47 -17.56 -13.12 10.80
C ALA A 47 -19.07 -13.20 11.04
N ALA A 48 -19.82 -12.39 10.29
CA ALA A 48 -21.28 -12.34 10.38
C ALA A 48 -21.80 -11.87 9.04
N PRO A 49 -23.04 -12.29 8.69
CA PRO A 49 -23.63 -12.00 7.38
C PRO A 49 -23.99 -10.54 7.14
N HIS A 50 -22.99 -9.68 7.09
CA HIS A 50 -23.14 -8.32 6.63
C HIS A 50 -23.51 -8.41 5.15
N PRO A 51 -24.40 -7.52 4.67
CA PRO A 51 -24.90 -7.64 3.28
C PRO A 51 -23.87 -7.39 2.16
N PHE A 52 -22.86 -6.57 2.39
CA PHE A 52 -21.80 -6.38 1.36
C PHE A 52 -20.89 -7.61 1.13
N LEU A 53 -20.91 -8.60 2.01
CA LEU A 53 -19.88 -9.65 2.03
C LEU A 53 -20.26 -10.90 1.21
N HIS A 54 -19.32 -11.36 0.37
CA HIS A 54 -19.50 -12.60 -0.38
C HIS A 54 -19.51 -13.80 0.55
N ARG A 55 -18.74 -13.70 1.63
CA ARG A 55 -18.61 -14.81 2.56
C ARG A 55 -18.02 -14.32 3.86
N TYR A 56 -18.01 -15.17 4.88
CA TYR A 56 -17.52 -14.75 6.18
C TYR A 56 -17.04 -15.94 6.96
N TYR A 57 -16.23 -15.67 7.98
CA TYR A 57 -15.62 -16.69 8.81
C TYR A 57 -16.67 -17.23 9.77
N GLN A 58 -16.94 -18.53 9.68
CA GLN A 58 -17.95 -19.17 10.51
C GLN A 58 -17.22 -20.01 11.57
N ARG A 59 -16.90 -19.38 12.70
CA ARG A 59 -16.12 -20.02 13.77
C ARG A 59 -16.68 -21.37 14.22
N GLN A 60 -18.00 -21.47 14.29
CA GLN A 60 -18.63 -22.70 14.74
C GLN A 60 -18.24 -23.92 13.89
N LEU A 61 -17.83 -23.68 12.64
CA LEU A 61 -17.50 -24.77 11.71
C LEU A 61 -16.05 -25.25 11.80
N SER A 62 -15.26 -24.60 12.63
CA SER A 62 -13.84 -24.89 12.71
C SER A 62 -13.50 -25.63 13.99
N SER A 63 -12.96 -26.84 13.85
CA SER A 63 -12.54 -27.63 15.01
C SER A 63 -11.31 -27.09 15.71
N THR A 64 -10.62 -26.13 15.09
CA THR A 64 -9.34 -25.61 15.62
C THR A 64 -9.40 -24.19 16.19
N TYR A 65 -10.57 -23.56 16.07
CA TYR A 65 -10.81 -22.27 16.71
C TYR A 65 -10.55 -22.34 18.20
N ARG A 66 -9.88 -21.32 18.75
CA ARG A 66 -9.76 -21.12 20.19
C ARG A 66 -10.12 -19.69 20.49
N ASP A 67 -11.03 -19.52 21.43
CA ASP A 67 -11.50 -18.21 21.85
C ASP A 67 -10.47 -17.58 22.77
N LEU A 68 -10.28 -16.28 22.68
CA LEU A 68 -9.39 -15.62 23.63
C LEU A 68 -10.17 -14.87 24.71
N ARG A 69 -11.49 -14.93 24.60
CA ARG A 69 -12.41 -14.24 25.52
C ARG A 69 -12.02 -12.78 25.72
N LYS A 70 -11.77 -12.12 24.60
CA LYS A 70 -11.39 -10.72 24.61
C LYS A 70 -12.07 -10.07 23.42
N GLY A 71 -12.67 -8.91 23.65
CA GLY A 71 -13.27 -8.16 22.58
C GLY A 71 -12.31 -7.10 22.08
N VAL A 72 -12.62 -6.50 20.93
CA VAL A 72 -11.81 -5.42 20.40
C VAL A 72 -12.71 -4.38 19.72
N TYR A 73 -12.55 -3.13 20.12
CA TYR A 73 -13.31 -2.04 19.53
C TYR A 73 -12.34 -1.12 18.80
N VAL A 74 -12.62 -0.83 17.53
CA VAL A 74 -11.72 0.02 16.73
C VAL A 74 -12.46 1.14 15.98
N PRO A 75 -12.47 2.35 16.57
CA PRO A 75 -13.07 3.49 15.91
C PRO A 75 -12.09 4.20 14.98
N TYR A 76 -12.61 4.94 14.01
CA TYR A 76 -11.82 5.82 13.13
C TYR A 76 -12.74 6.94 12.66
N THR A 77 -12.32 7.68 11.63
CA THR A 77 -13.15 8.76 11.08
C THR A 77 -14.43 8.21 10.45
N GLN A 78 -15.57 8.70 10.92
CA GLN A 78 -16.90 8.40 10.34
C GLN A 78 -17.38 6.95 10.55
N GLY A 79 -16.70 6.16 11.38
CA GLY A 79 -17.08 4.76 11.55
C GLY A 79 -16.32 3.93 12.57
N LYS A 80 -16.43 2.61 12.44
CA LYS A 80 -15.83 1.69 13.38
C LYS A 80 -15.87 0.24 12.90
N TRP A 81 -15.09 -0.61 13.55
CA TRP A 81 -15.37 -2.02 13.52
C TRP A 81 -15.21 -2.59 14.92
N GLU A 82 -15.92 -3.69 15.16
CA GLU A 82 -15.93 -4.34 16.45
C GLU A 82 -15.85 -5.83 16.22
N GLY A 83 -15.12 -6.53 17.07
CA GLY A 83 -14.95 -7.97 16.90
C GLY A 83 -14.56 -8.70 18.15
N GLU A 84 -14.35 -10.00 17.98
CA GLU A 84 -13.97 -10.89 19.07
C GLU A 84 -12.70 -11.60 18.67
N LEU A 85 -11.76 -11.66 19.60
CA LEU A 85 -10.45 -12.25 19.36
C LEU A 85 -10.41 -13.74 19.64
N GLY A 86 -9.63 -14.44 18.82
CA GLY A 86 -9.34 -15.85 18.99
C GLY A 86 -8.11 -16.19 18.18
N THR A 87 -7.81 -17.48 18.10
CA THR A 87 -6.80 -17.98 17.17
C THR A 87 -7.36 -19.13 16.39
N ASP A 88 -6.79 -19.37 15.21
CA ASP A 88 -7.14 -20.51 14.39
C ASP A 88 -6.00 -20.75 13.41
N LEU A 89 -6.12 -21.82 12.63
CA LEU A 89 -5.09 -22.21 11.66
C LEU A 89 -5.30 -21.54 10.30
N VAL A 90 -4.22 -21.00 9.76
CA VAL A 90 -4.30 -20.11 8.60
C VAL A 90 -3.25 -20.54 7.57
N SER A 91 -3.69 -20.71 6.32
CA SER A 91 -2.80 -20.93 5.18
C SER A 91 -3.04 -19.92 4.09
N ILE A 92 -2.03 -19.78 3.21
CA ILE A 92 -2.14 -19.00 1.98
C ILE A 92 -1.94 -19.97 0.81
N PRO A 93 -3.05 -20.42 0.19
CA PRO A 93 -2.97 -21.41 -0.87
C PRO A 93 -1.92 -21.10 -1.95
N HIS A 94 -1.83 -19.84 -2.39
CA HIS A 94 -0.76 -19.43 -3.34
C HIS A 94 0.37 -18.68 -2.64
N GLY A 95 0.75 -19.18 -1.48
CA GLY A 95 1.89 -18.70 -0.72
C GLY A 95 2.73 -19.91 -0.29
N PRO A 96 3.52 -19.78 0.79
CA PRO A 96 4.34 -20.90 1.24
C PRO A 96 3.50 -22.09 1.70
N ASN A 97 4.00 -23.31 1.46
CA ASN A 97 3.33 -24.54 1.91
C ASN A 97 3.46 -24.79 3.40
N VAL A 98 2.83 -23.91 4.18
CA VAL A 98 2.84 -23.98 5.63
C VAL A 98 1.45 -23.60 6.19
N THR A 99 1.25 -23.89 7.47
CA THR A 99 0.02 -23.53 8.16
C THR A 99 0.42 -23.04 9.54
N VAL A 100 -0.13 -21.91 9.95
CA VAL A 100 0.22 -21.35 11.25
C VAL A 100 -1.01 -21.04 12.12
N ARG A 101 -0.81 -21.03 13.44
CA ARG A 101 -1.85 -20.60 14.37
C ARG A 101 -1.69 -19.10 14.52
N ALA A 102 -2.70 -18.38 14.04
CA ALA A 102 -2.64 -16.92 14.07
C ALA A 102 -3.81 -16.34 14.81
N ASN A 103 -3.58 -15.18 15.42
CA ASN A 103 -4.63 -14.34 15.91
C ASN A 103 -5.57 -13.92 14.78
N ILE A 104 -6.87 -14.07 15.01
CA ILE A 104 -7.92 -13.57 14.11
C ILE A 104 -8.90 -12.70 14.90
N ALA A 105 -9.17 -11.49 14.41
CA ALA A 105 -10.28 -10.71 14.95
C ALA A 105 -11.54 -10.99 14.12
N ALA A 106 -12.52 -11.62 14.75
CA ALA A 106 -13.78 -11.92 14.06
C ALA A 106 -14.67 -10.68 14.15
N ILE A 107 -14.90 -10.04 13.00
CA ILE A 107 -15.65 -8.78 12.99
C ILE A 107 -17.15 -9.06 13.05
N THR A 108 -17.80 -8.53 14.08
CA THR A 108 -19.22 -8.79 14.34
C THR A 108 -20.11 -7.56 14.06
N GLU A 109 -19.51 -6.38 13.91
CA GLU A 109 -20.27 -5.15 13.69
C GLU A 109 -19.31 -4.13 13.08
N SER A 110 -19.74 -3.46 12.03
CA SER A 110 -18.89 -2.44 11.42
C SER A 110 -19.69 -1.35 10.73
N ASP A 111 -19.08 -0.18 10.63
CA ASP A 111 -19.69 0.92 9.90
C ASP A 111 -18.60 1.50 9.01
N LYS A 112 -18.88 1.57 7.70
CA LYS A 112 -17.94 2.11 6.70
C LYS A 112 -16.57 1.46 6.63
N PHE A 113 -16.52 0.16 6.88
CA PHE A 113 -15.30 -0.64 6.79
C PHE A 113 -15.27 -1.44 5.48
N PHE A 114 -16.30 -2.26 5.25
CA PHE A 114 -16.38 -3.10 4.05
C PHE A 114 -16.88 -2.27 2.88
N ILE A 115 -16.58 -2.70 1.66
CA ILE A 115 -17.03 -1.96 0.47
C ILE A 115 -18.13 -2.72 -0.27
N ASN A 116 -19.24 -2.04 -0.51
CA ASN A 116 -20.35 -2.60 -1.27
C ASN A 116 -19.94 -2.83 -2.73
N GLY A 117 -19.81 -4.08 -3.12
CA GLY A 117 -19.38 -4.40 -4.48
C GLY A 117 -18.00 -5.00 -4.56
N SER A 118 -17.21 -4.94 -3.48
CA SER A 118 -15.85 -5.48 -3.50
C SER A 118 -15.83 -6.98 -3.27
N ASN A 119 -14.71 -7.61 -3.61
CA ASN A 119 -14.60 -9.05 -3.56
C ASN A 119 -13.70 -9.54 -2.42
N TRP A 120 -13.49 -8.68 -1.41
CA TRP A 120 -12.75 -9.11 -0.22
C TRP A 120 -13.56 -9.01 1.08
N GLU A 121 -13.16 -9.79 2.08
CA GLU A 121 -13.96 -10.02 3.30
C GLU A 121 -13.17 -9.80 4.59
N GLY A 122 -11.91 -9.43 4.46
CA GLY A 122 -11.08 -9.22 5.64
C GLY A 122 -9.81 -8.52 5.24
N ILE A 123 -8.97 -8.27 6.24
CA ILE A 123 -7.76 -7.47 6.05
C ILE A 123 -6.58 -8.17 6.69
N LEU A 124 -5.49 -8.27 5.93
CA LEU A 124 -4.23 -8.79 6.45
C LEU A 124 -3.29 -7.63 6.74
N GLY A 125 -3.23 -7.24 8.01
CA GLY A 125 -2.32 -6.19 8.45
C GLY A 125 -0.90 -6.75 8.57
N LEU A 126 0.00 -6.25 7.73
CA LEU A 126 1.35 -6.79 7.58
C LEU A 126 2.37 -5.92 8.31
N ALA A 127 1.91 -4.85 8.95
CA ALA A 127 2.81 -3.98 9.69
C ALA A 127 3.09 -4.53 11.10
N TYR A 128 3.67 -3.72 12.00
CA TYR A 128 4.21 -4.25 13.27
C TYR A 128 3.29 -4.17 14.49
N ALA A 129 3.63 -4.95 15.53
CA ALA A 129 2.81 -5.09 16.75
C ALA A 129 2.50 -3.78 17.45
N GLU A 130 3.41 -2.83 17.35
CA GLU A 130 3.23 -1.52 17.98
C GLU A 130 1.89 -0.87 17.67
N ILE A 131 1.32 -1.15 16.48
CA ILE A 131 0.06 -0.53 16.07
C ILE A 131 -1.12 -1.53 16.00
N ALA A 132 -0.91 -2.73 16.54
CA ALA A 132 -1.96 -3.74 16.65
C ALA A 132 -3.04 -3.24 17.63
N ARG A 133 -4.25 -3.75 17.46
CA ARG A 133 -5.33 -3.47 18.40
C ARG A 133 -5.74 -4.79 19.05
N PRO A 134 -6.12 -4.73 20.34
CA PRO A 134 -6.17 -3.52 21.16
C PRO A 134 -4.80 -3.00 21.62
N ASP A 135 -3.78 -3.85 21.60
CA ASP A 135 -2.45 -3.48 22.10
C ASP A 135 -1.33 -4.32 21.46
N ASP A 136 -0.09 -3.90 21.69
CA ASP A 136 1.06 -4.56 21.06
C ASP A 136 1.34 -6.01 21.49
N SER A 137 0.55 -6.56 22.40
CA SER A 137 0.74 -7.96 22.79
C SER A 137 -0.04 -8.92 21.90
N LEU A 138 -0.89 -8.36 21.04
CA LEU A 138 -1.57 -9.18 20.01
C LEU A 138 -0.65 -9.38 18.81
N GLU A 139 -0.12 -10.59 18.69
CA GLU A 139 0.90 -10.89 17.72
C GLU A 139 0.37 -10.84 16.27
N PRO A 140 0.92 -9.93 15.42
CA PRO A 140 0.47 -9.83 14.02
C PRO A 140 0.73 -11.10 13.25
N PHE A 141 -0.01 -11.31 12.17
CA PHE A 141 0.11 -12.53 11.40
C PHE A 141 1.56 -12.88 11.01
N PHE A 142 2.28 -11.91 10.45
CA PHE A 142 3.60 -12.17 9.89
C PHE A 142 4.64 -12.57 10.94
N ASP A 143 4.55 -11.95 12.12
CA ASP A 143 5.33 -12.37 13.27
C ASP A 143 5.05 -13.81 13.66
N SER A 144 3.79 -14.21 13.69
CA SER A 144 3.44 -15.63 13.95
C SER A 144 4.01 -16.54 12.88
N LEU A 145 3.92 -16.10 11.63
CA LEU A 145 4.39 -16.89 10.50
C LEU A 145 5.88 -17.20 10.62
N VAL A 146 6.64 -16.17 11.02
CA VAL A 146 8.09 -16.27 11.11
C VAL A 146 8.48 -17.11 12.34
N LYS A 147 7.88 -16.85 13.50
CA LYS A 147 8.09 -17.67 14.71
C LYS A 147 7.86 -19.16 14.51
N GLN A 148 6.84 -19.51 13.74
CA GLN A 148 6.38 -20.88 13.72
C GLN A 148 6.89 -21.70 12.56
N THR A 149 7.52 -21.04 11.59
CA THR A 149 8.01 -21.73 10.40
C THR A 149 9.46 -21.36 10.03
N HIS A 150 9.92 -21.92 8.92
CA HIS A 150 11.22 -21.56 8.37
C HIS A 150 11.15 -20.51 7.26
N VAL A 151 9.97 -19.89 7.08
CA VAL A 151 9.81 -18.80 6.11
C VAL A 151 10.68 -17.61 6.52
N PRO A 152 11.56 -17.14 5.62
CA PRO A 152 12.45 -16.00 5.91
C PRO A 152 11.64 -14.74 6.27
N ASN A 153 12.21 -13.88 7.13
CA ASN A 153 11.52 -12.69 7.61
C ASN A 153 11.50 -11.52 6.60
N LEU A 154 10.85 -11.72 5.46
CA LEU A 154 10.61 -10.66 4.49
C LEU A 154 9.49 -11.04 3.55
N PHE A 155 8.90 -10.04 2.90
CA PHE A 155 7.88 -10.24 1.87
C PHE A 155 8.06 -9.12 0.90
N SER A 156 7.57 -9.30 -0.31
CA SER A 156 7.68 -8.26 -1.32
C SER A 156 6.39 -8.17 -2.11
N LEU A 157 6.14 -7.01 -2.71
CA LEU A 157 4.88 -6.71 -3.34
C LEU A 157 5.06 -6.11 -4.72
N GLN A 158 4.47 -6.76 -5.72
CA GLN A 158 4.36 -6.17 -7.04
C GLN A 158 2.88 -5.89 -7.33
N LEU A 159 2.49 -4.62 -7.18
CA LEU A 159 1.14 -4.19 -7.48
C LEU A 159 1.10 -3.71 -8.93
N CYS A 160 0.18 -4.25 -9.73
CA CYS A 160 0.05 -3.83 -11.14
C CYS A 160 -1.28 -3.08 -11.37
N GLY A 161 -1.19 -1.79 -11.72
CA GLY A 161 -2.37 -0.98 -11.99
C GLY A 161 -3.06 -1.34 -13.31
N ALA A 162 -4.05 -0.54 -13.72
CA ALA A 162 -4.83 -0.85 -14.94
C ALA A 162 -4.97 0.31 -15.94
C ALA A 173 -10.06 -2.91 -13.25
N SER A 174 -10.00 -4.21 -13.58
CA SER A 174 -9.51 -5.23 -12.64
C SER A 174 -7.99 -5.36 -12.68
N VAL A 175 -7.39 -5.13 -11.51
CA VAL A 175 -5.94 -5.13 -11.32
C VAL A 175 -5.40 -6.49 -10.88
N GLY A 176 -4.07 -6.58 -10.77
CA GLY A 176 -3.41 -7.82 -10.33
C GLY A 176 -2.03 -7.55 -9.77
N GLY A 177 -1.38 -8.59 -9.30
CA GLY A 177 -0.07 -8.46 -8.70
C GLY A 177 0.42 -9.72 -8.04
N SER A 178 1.56 -9.60 -7.36
CA SER A 178 2.18 -10.72 -6.66
C SER A 178 2.56 -10.31 -5.25
N MET A 179 2.34 -11.22 -4.30
CA MET A 179 2.92 -11.13 -2.99
C MET A 179 3.82 -12.33 -2.78
N ILE A 180 5.11 -12.07 -2.74
CA ILE A 180 6.10 -13.13 -2.51
C ILE A 180 6.41 -13.15 -1.04
N ILE A 181 6.00 -14.22 -0.39
CA ILE A 181 6.16 -14.34 1.05
C ILE A 181 7.47 -15.09 1.31
N GLY A 182 8.37 -14.45 2.04
CA GLY A 182 9.63 -15.05 2.42
C GLY A 182 10.75 -14.90 1.39
N GLY A 183 10.59 -14.00 0.43
CA GLY A 183 11.64 -13.81 -0.55
C GLY A 183 11.33 -12.82 -1.65
N ILE A 184 12.15 -12.90 -2.69
CA ILE A 184 12.13 -11.98 -3.82
C ILE A 184 12.04 -12.80 -5.12
N ASP A 185 11.31 -12.32 -6.10
CA ASP A 185 11.34 -12.95 -7.41
C ASP A 185 11.93 -11.96 -8.41
N HIS A 186 13.11 -12.29 -8.95
CA HIS A 186 13.87 -11.35 -9.78
C HIS A 186 13.23 -11.06 -11.12
N SER A 187 12.30 -11.91 -11.53
CA SER A 187 11.54 -11.65 -12.75
C SER A 187 10.56 -10.48 -12.59
N LEU A 188 10.31 -10.06 -11.34
CA LEU A 188 9.27 -9.04 -11.08
C LEU A 188 9.77 -7.60 -11.19
N TYR A 189 11.08 -7.43 -11.36
CA TYR A 189 11.67 -6.09 -11.50
C TYR A 189 12.82 -6.04 -12.52
N THR A 190 13.10 -4.83 -13.01
CA THR A 190 14.27 -4.57 -13.83
C THR A 190 15.24 -3.68 -13.08
N GLY A 191 16.52 -3.87 -13.37
CA GLY A 191 17.60 -3.06 -12.80
C GLY A 191 17.87 -3.52 -11.39
N SER A 192 18.32 -2.58 -10.56
CA SER A 192 18.71 -2.91 -9.22
C SER A 192 17.68 -2.45 -8.20
N LEU A 193 17.65 -3.16 -7.08
CA LEU A 193 16.96 -2.72 -5.88
C LEU A 193 17.80 -1.70 -5.15
N TRP A 194 17.15 -0.64 -4.68
CA TRP A 194 17.74 0.33 -3.77
C TRP A 194 16.95 0.33 -2.44
N TYR A 195 17.69 0.42 -1.33
CA TYR A 195 17.09 0.29 0.00
C TYR A 195 17.10 1.58 0.82
N THR A 196 15.97 1.82 1.52
CA THR A 196 15.79 2.92 2.46
C THR A 196 15.55 2.29 3.85
N PRO A 197 16.13 2.87 4.91
CA PRO A 197 15.95 2.23 6.19
C PRO A 197 14.49 2.35 6.68
N ILE A 198 14.01 1.33 7.37
CA ILE A 198 12.75 1.46 8.13
C ILE A 198 13.11 2.26 9.38
N ARG A 199 12.59 3.48 9.51
CA ARG A 199 12.99 4.36 10.61
C ARG A 199 12.60 3.82 11.99
N ARG A 200 11.44 3.18 12.06
CA ARG A 200 10.93 2.63 13.29
C ARG A 200 9.89 1.59 12.95
N GLU A 201 9.87 0.50 13.71
CA GLU A 201 8.99 -0.62 13.45
C GLU A 201 7.61 -0.47 14.11
N TRP A 202 6.76 0.28 13.44
CA TRP A 202 5.34 0.40 13.82
C TRP A 202 4.54 0.35 12.52
N TYR A 203 4.38 1.48 11.85
CA TYR A 203 4.12 1.47 10.40
C TYR A 203 5.42 1.12 9.68
N TYR A 204 5.36 0.86 8.37
CA TYR A 204 6.60 0.86 7.59
C TYR A 204 7.00 2.29 7.30
N GLU A 205 7.66 2.88 8.29
CA GLU A 205 8.02 4.28 8.28
C GLU A 205 9.35 4.54 7.57
N VAL A 206 9.38 5.52 6.67
CA VAL A 206 10.59 5.87 5.94
C VAL A 206 10.80 7.38 6.01
N ILE A 207 11.93 7.86 5.48
CA ILE A 207 12.23 9.28 5.44
C ILE A 207 12.45 9.80 4.02
N ILE A 208 11.65 10.78 3.61
CA ILE A 208 11.84 11.45 2.32
C ILE A 208 12.71 12.67 2.60
N VAL A 209 13.75 12.82 1.78
CA VAL A 209 14.80 13.80 2.02
C VAL A 209 14.76 14.92 1.00
N ARG A 210 14.06 14.68 -0.10
CA ARG A 210 13.96 15.65 -1.16
C ARG A 210 12.81 15.25 -2.06
N VAL A 211 12.12 16.23 -2.63
CA VAL A 211 11.02 16.01 -3.57
C VAL A 211 11.21 16.89 -4.79
N GLU A 212 11.15 16.30 -5.99
CA GLU A 212 11.24 17.05 -7.23
C GLU A 212 10.02 16.84 -8.09
N ILE A 213 9.57 17.90 -8.76
CA ILE A 213 8.51 17.85 -9.77
C ILE A 213 9.15 18.22 -11.10
N ASN A 214 9.08 17.30 -12.07
CA ASN A 214 9.74 17.46 -13.37
C ASN A 214 11.22 17.84 -13.31
N GLY A 215 11.87 17.54 -12.19
CA GLY A 215 13.27 17.91 -12.00
C GLY A 215 13.48 19.14 -11.14
N GLN A 216 12.38 19.80 -10.74
CA GLN A 216 12.45 21.02 -9.94
C GLN A 216 12.19 20.75 -8.47
N ASP A 217 13.15 21.14 -7.64
CA ASP A 217 13.09 20.96 -6.21
C ASP A 217 12.02 21.88 -5.62
N LEU A 218 11.18 21.32 -4.75
CA LEU A 218 10.19 22.10 -4.01
C LEU A 218 10.86 22.97 -2.95
N LYS A 219 12.17 22.81 -2.82
CA LYS A 219 12.99 23.55 -1.87
C LYS A 219 12.31 23.78 -0.51
N MET A 220 11.66 22.75 0.01
CA MET A 220 11.05 22.83 1.33
C MET A 220 11.94 22.18 2.36
N ASP A 221 11.96 22.73 3.58
CA ASP A 221 12.61 22.08 4.69
C ASP A 221 12.11 20.64 4.71
N CYS A 222 13.04 19.70 4.62
CA CYS A 222 12.71 18.29 4.39
C CYS A 222 11.92 17.67 5.55
N LYS A 223 11.89 18.36 6.69
CA LYS A 223 11.07 17.92 7.82
C LYS A 223 9.59 17.94 7.46
N GLU A 224 9.19 18.93 6.64
CA GLU A 224 7.82 19.04 6.16
C GLU A 224 7.38 17.79 5.39
N TYR A 225 8.31 17.21 4.60
CA TYR A 225 8.01 15.99 3.84
C TYR A 225 7.57 14.82 4.73
N ASN A 226 7.97 14.85 5.99
CA ASN A 226 7.76 13.76 6.93
C ASN A 226 6.96 14.15 8.17
N TYR A 227 6.12 15.17 8.04
CA TYR A 227 5.34 15.70 9.16
C TYR A 227 3.96 15.03 9.16
N ASP A 228 3.64 14.19 10.14
CA ASP A 228 4.50 13.81 11.26
C ASP A 228 5.19 12.47 11.00
N LYS A 229 4.96 11.89 9.82
CA LYS A 229 5.58 10.63 9.39
C LYS A 229 5.43 10.42 7.88
N SER A 230 6.27 9.54 7.31
CA SER A 230 5.99 9.00 5.98
C SER A 230 6.00 7.49 6.09
N ILE A 231 5.06 6.86 5.40
CA ILE A 231 4.88 5.42 5.48
C ILE A 231 4.62 4.85 4.08
N VAL A 232 4.94 3.56 3.92
CA VAL A 232 4.63 2.83 2.71
C VAL A 232 3.39 1.98 3.03
N ASP A 233 2.28 2.19 2.32
CA ASP A 233 0.99 1.60 2.70
C ASP A 233 0.18 1.06 1.51
N SER A 234 0.19 -0.25 1.34
CA SER A 234 -0.55 -0.92 0.27
C SER A 234 -2.09 -0.81 0.42
N GLY A 235 -2.54 -0.42 1.62
CA GLY A 235 -3.97 -0.27 1.89
C GLY A 235 -4.48 1.16 1.78
N THR A 236 -3.71 2.04 1.14
CA THR A 236 -4.15 3.38 0.76
C THR A 236 -4.01 3.45 -0.73
N THR A 237 -5.00 4.04 -1.41
CA THR A 237 -5.00 4.17 -2.87
C THR A 237 -4.02 5.23 -3.34
N ASN A 238 -4.05 6.38 -2.68
CA ASN A 238 -3.44 7.60 -3.17
C ASN A 238 -2.01 7.80 -2.70
N LEU A 239 -1.29 8.71 -3.33
CA LEU A 239 -0.15 9.35 -2.66
C LEU A 239 -0.74 10.48 -1.80
N ARG A 240 -0.54 10.37 -0.49
CA ARG A 240 -1.05 11.39 0.42
C ARG A 240 0.10 12.21 1.02
N LEU A 241 0.08 13.53 0.82
CA LEU A 241 1.16 14.44 1.26
C LEU A 241 0.70 15.41 2.34
N PRO A 242 1.57 15.73 3.33
CA PRO A 242 1.15 16.68 4.36
C PRO A 242 0.67 18.00 3.74
N LYS A 243 -0.26 18.67 4.43
CA LYS A 243 -0.93 19.85 3.87
C LYS A 243 0.04 20.82 3.20
N LYS A 244 1.06 21.25 3.94
CA LYS A 244 2.00 22.25 3.41
C LYS A 244 2.72 21.77 2.13
N VAL A 245 3.11 20.49 2.12
CA VAL A 245 3.79 19.87 0.98
C VAL A 245 2.86 19.66 -0.19
N PHE A 246 1.62 19.26 0.11
CA PHE A 246 0.59 19.12 -0.91
C PHE A 246 0.33 20.45 -1.61
N GLU A 247 0.11 21.51 -0.83
CA GLU A 247 -0.10 22.86 -1.39
C GLU A 247 0.98 23.19 -2.42
N ALA A 248 2.24 23.07 -2.00
CA ALA A 248 3.39 23.33 -2.86
C ALA A 248 3.47 22.37 -4.05
N ALA A 249 3.16 21.10 -3.80
CA ALA A 249 3.19 20.08 -4.85
C ALA A 249 2.23 20.37 -6.01
N VAL A 250 0.95 20.61 -5.70
CA VAL A 250 -0.03 20.95 -6.75
C VAL A 250 0.30 22.28 -7.43
N ALA A 251 0.68 23.28 -6.63
CA ALA A 251 1.09 24.60 -7.16
C ALA A 251 2.13 24.39 -8.25
N SER A 252 3.11 23.54 -7.96
CA SER A 252 4.14 23.15 -8.91
C SER A 252 3.59 22.28 -10.05
N ILE A 253 2.66 21.38 -9.75
CA ILE A 253 2.04 20.53 -10.79
C ILE A 253 1.09 21.35 -11.67
N LYS A 254 0.29 22.21 -11.05
CA LYS A 254 -0.56 23.17 -11.78
C LYS A 254 0.25 23.95 -12.80
N ALA A 255 1.36 24.52 -12.35
CA ALA A 255 2.26 25.30 -13.20
C ALA A 255 2.80 24.51 -14.41
N ALA A 256 3.34 23.32 -14.13
CA ALA A 256 3.93 22.47 -15.17
C ALA A 256 2.93 22.04 -16.26
N SER A 257 1.66 21.97 -15.89
CA SER A 257 0.61 21.40 -16.73
C SER A 257 -0.36 22.45 -17.27
N SER A 258 -0.02 23.72 -17.08
CA SER A 258 -0.91 24.82 -17.46
C SER A 258 -1.11 24.96 -18.98
N THR A 259 -0.51 24.07 -19.76
CA THR A 259 -0.80 24.00 -21.21
C THR A 259 -2.31 23.80 -21.44
N GLU A 260 -2.94 23.02 -20.55
CA GLU A 260 -4.41 22.90 -20.50
C GLU A 260 -4.90 23.31 -19.13
N LYS A 261 -6.19 23.67 -19.06
CA LYS A 261 -6.80 24.09 -17.80
C LYS A 261 -7.80 23.06 -17.29
N PHE A 262 -7.91 22.97 -15.97
CA PHE A 262 -8.81 22.04 -15.31
C PHE A 262 -9.50 22.78 -14.17
N PRO A 263 -10.70 22.33 -13.76
CA PRO A 263 -11.36 22.99 -12.64
C PRO A 263 -10.48 22.97 -11.38
N ASP A 264 -10.58 24.01 -10.55
CA ASP A 264 -9.83 24.07 -9.29
C ASP A 264 -10.16 22.91 -8.35
N GLY A 265 -11.40 22.44 -8.42
CA GLY A 265 -11.87 21.30 -7.62
C GLY A 265 -11.23 19.96 -7.99
N PHE A 266 -10.78 19.83 -9.24
CA PHE A 266 -10.10 18.62 -9.71
C PHE A 266 -8.83 18.28 -8.92
N TRP A 267 -8.01 19.30 -8.67
CA TRP A 267 -6.77 19.14 -7.88
C TRP A 267 -7.07 18.81 -6.42
N LEU A 268 -8.31 19.04 -6.01
CA LEU A 268 -8.76 18.68 -4.67
C LEU A 268 -9.51 17.34 -4.63
N GLY A 269 -9.56 16.66 -5.78
CA GLY A 269 -10.27 15.39 -5.94
C GLY A 269 -11.77 15.48 -5.67
N GLU A 270 -12.34 16.67 -5.95
CA GLU A 270 -13.76 16.99 -5.71
C GLU A 270 -14.56 16.87 -7.01
N GLN A 271 -13.84 16.78 -8.13
CA GLN A 271 -14.44 16.46 -9.41
C GLN A 271 -13.45 15.70 -10.27
N LEU A 272 -13.96 14.95 -11.24
CA LEU A 272 -13.12 14.19 -12.14
C LEU A 272 -12.83 15.03 -13.36
N VAL A 273 -11.90 14.56 -14.18
CA VAL A 273 -11.57 15.21 -15.45
C VAL A 273 -11.55 14.16 -16.57
N CYS A 274 -12.00 14.56 -17.76
CA CYS A 274 -12.28 13.59 -18.81
C CYS A 274 -11.63 13.96 -20.14
N TRP A 275 -11.15 12.93 -20.86
CA TRP A 275 -10.68 13.07 -22.24
C TRP A 275 -11.27 11.96 -23.06
N GLN A 276 -11.48 12.24 -24.35
CA GLN A 276 -11.86 11.23 -25.32
C GLN A 276 -10.82 10.11 -25.26
N ALA A 277 -11.27 8.86 -25.45
CA ALA A 277 -10.38 7.70 -25.40
C ALA A 277 -9.24 7.80 -26.41
N GLY A 278 -8.07 7.28 -26.02
CA GLY A 278 -6.85 7.35 -26.83
C GLY A 278 -6.18 8.73 -26.83
N THR A 279 -6.86 9.72 -26.27
CA THR A 279 -6.43 11.13 -26.36
C THR A 279 -6.09 11.77 -25.00
N THR A 280 -5.63 10.95 -24.04
CA THR A 280 -5.19 11.51 -22.77
C THR A 280 -3.77 12.04 -22.94
N PRO A 281 -3.57 13.34 -22.69
CA PRO A 281 -2.27 14.00 -22.86
C PRO A 281 -1.36 13.82 -21.63
N TRP A 282 -0.56 12.74 -21.64
CA TRP A 282 0.33 12.43 -20.53
C TRP A 282 1.48 13.43 -20.44
N ASN A 283 1.98 13.84 -21.61
CA ASN A 283 3.19 14.66 -21.73
C ASN A 283 3.10 16.06 -21.14
N ILE A 284 1.89 16.59 -20.97
CA ILE A 284 1.71 17.88 -20.32
C ILE A 284 1.86 17.75 -18.80
N PHE A 285 1.96 16.51 -18.32
CA PHE A 285 2.07 16.25 -16.90
C PHE A 285 3.51 15.90 -16.50
N PRO A 286 3.97 16.45 -15.36
CA PRO A 286 5.33 16.29 -14.86
C PRO A 286 5.56 14.96 -14.13
N VAL A 287 6.79 14.46 -14.17
CA VAL A 287 7.16 13.33 -13.34
C VAL A 287 7.30 13.81 -11.90
N ILE A 288 7.13 12.91 -10.94
CA ILE A 288 7.30 13.26 -9.54
C ILE A 288 8.35 12.34 -8.97
N SER A 289 9.35 12.93 -8.33
CA SER A 289 10.48 12.20 -7.79
C SER A 289 10.61 12.37 -6.29
N LEU A 290 10.61 11.26 -5.57
CA LEU A 290 10.86 11.30 -4.15
C LEU A 290 12.28 10.76 -3.92
N TYR A 291 13.10 11.53 -3.20
CA TYR A 291 14.41 11.03 -2.83
C TYR A 291 14.25 10.42 -1.46
N LEU A 292 14.70 9.19 -1.31
CA LEU A 292 14.59 8.50 -0.03
C LEU A 292 15.95 8.37 0.61
N MET A 293 15.98 8.36 1.94
CA MET A 293 17.19 8.14 2.70
C MET A 293 17.83 6.81 2.27
N GLY A 294 19.13 6.80 1.99
CA GLY A 294 19.80 5.57 1.57
C GLY A 294 20.34 4.77 2.74
N GLU A 295 21.11 3.72 2.42
CA GLU A 295 21.67 2.84 3.46
C GLU A 295 22.96 3.40 4.06
N VAL A 296 23.60 4.31 3.34
CA VAL A 296 24.87 4.86 3.75
C VAL A 296 24.74 6.33 4.18
N THR A 297 25.49 6.73 5.20
CA THR A 297 25.60 8.13 5.61
C THR A 297 25.79 9.05 4.42
N ASN A 298 24.97 10.11 4.36
CA ASN A 298 25.00 11.08 3.27
C ASN A 298 24.65 10.57 1.85
N GLN A 299 24.13 9.34 1.77
CA GLN A 299 23.74 8.79 0.48
C GLN A 299 22.20 8.61 0.34
N SER A 300 21.64 9.10 -0.76
CA SER A 300 20.23 8.88 -1.05
C SER A 300 20.01 8.19 -2.41
N PHE A 301 18.76 7.86 -2.71
CA PHE A 301 18.39 7.44 -4.05
C PHE A 301 17.05 8.07 -4.37
N ARG A 302 16.61 8.01 -5.62
CA ARG A 302 15.31 8.58 -5.92
C ARG A 302 14.44 7.61 -6.68
N ILE A 303 13.15 7.68 -6.41
CA ILE A 303 12.17 6.95 -7.18
C ILE A 303 11.30 7.96 -7.94
N THR A 304 10.95 7.62 -9.18
CA THR A 304 10.28 8.55 -10.08
C THR A 304 9.00 7.95 -10.68
N ILE A 305 7.86 8.61 -10.46
CA ILE A 305 6.57 8.14 -11.02
C ILE A 305 6.03 9.06 -12.10
N LEU A 306 5.08 8.52 -12.86
CA LEU A 306 4.47 9.18 -14.00
C LEU A 306 3.03 9.61 -13.70
N PRO A 307 2.44 10.44 -14.58
CA PRO A 307 1.01 10.75 -14.46
C PRO A 307 0.13 9.50 -14.56
N GLN A 308 0.65 8.47 -15.23
CA GLN A 308 0.04 7.15 -15.28
C GLN A 308 -0.23 6.57 -13.89
N GLN A 309 0.61 6.96 -12.92
CA GLN A 309 0.46 6.51 -11.56
C GLN A 309 -0.45 7.43 -10.75
N TYR A 310 -0.34 8.75 -10.92
CA TYR A 310 -1.12 9.68 -10.08
C TYR A 310 -2.47 10.18 -10.64
N LEU A 311 -2.77 9.82 -11.89
CA LEU A 311 -4.10 10.06 -12.46
C LEU A 311 -4.85 8.73 -12.58
N ARG A 312 -5.70 8.45 -11.60
CA ARG A 312 -6.29 7.12 -11.49
C ARG A 312 -7.53 6.99 -12.39
N PRO A 313 -7.56 5.95 -13.25
CA PRO A 313 -8.74 5.65 -14.08
C PRO A 313 -9.98 5.41 -13.22
N VAL A 314 -11.05 6.15 -13.48
CA VAL A 314 -12.35 5.92 -12.84
C VAL A 314 -13.34 5.40 -13.89
N GLU A 315 -13.79 4.15 -13.69
CA GLU A 315 -14.67 3.47 -14.65
C GLU A 315 -16.14 3.87 -14.47
N ASP A 316 -16.59 3.92 -13.22
CA ASP A 316 -18.02 4.06 -12.88
C ASP A 316 -18.53 5.51 -12.90
N VAL A 317 -18.76 6.03 -14.10
CA VAL A 317 -19.31 7.38 -14.29
C VAL A 317 -20.47 7.33 -15.29
N ALA A 318 -21.70 7.45 -14.78
CA ALA A 318 -22.90 7.50 -15.62
C ALA A 318 -23.17 8.92 -16.15
N THR A 319 -22.49 9.91 -15.57
CA THR A 319 -22.51 11.30 -16.05
C THR A 319 -21.63 11.47 -17.29
N SER A 320 -20.70 10.54 -17.51
CA SER A 320 -19.78 10.59 -18.66
C SER A 320 -19.67 9.28 -19.45
N GLN A 321 -18.84 9.29 -20.50
CA GLN A 321 -18.70 8.19 -21.45
C GLN A 321 -17.29 8.15 -22.06
N ASP A 322 -16.35 8.84 -21.39
CA ASP A 322 -14.97 9.03 -21.88
C ASP A 322 -13.91 8.39 -20.97
N ASP A 323 -12.66 8.86 -21.08
CA ASP A 323 -11.61 8.49 -20.13
C ASP A 323 -11.68 9.47 -18.96
N CYS A 324 -12.31 9.04 -17.86
CA CYS A 324 -12.38 9.84 -16.64
C CYS A 324 -11.31 9.43 -15.62
N TYR A 325 -10.59 10.43 -15.11
CA TYR A 325 -9.53 10.22 -14.14
C TYR A 325 -9.77 11.01 -12.88
N LYS A 326 -9.39 10.43 -11.74
CA LYS A 326 -9.28 11.20 -10.50
C LYS A 326 -7.80 11.55 -10.24
N PHE A 327 -7.59 12.74 -9.69
CA PHE A 327 -6.26 13.16 -9.27
C PHE A 327 -5.99 12.45 -7.96
N ALA A 328 -4.96 11.59 -7.97
CA ALA A 328 -4.70 10.64 -6.90
C ALA A 328 -3.67 11.13 -5.88
N ILE A 329 -3.50 12.45 -5.80
CA ILE A 329 -2.62 13.03 -4.80
C ILE A 329 -3.47 13.91 -3.91
N SER A 330 -3.31 13.78 -2.61
CA SER A 330 -4.22 14.47 -1.71
C SER A 330 -3.58 14.86 -0.40
N GLN A 331 -4.17 15.84 0.27
CA GLN A 331 -3.64 16.36 1.53
C GLN A 331 -3.71 15.27 2.58
N SER A 332 -3.03 15.51 3.70
CA SER A 332 -3.07 14.59 4.81
C SER A 332 -2.82 15.38 6.08
N SER A 333 -3.32 14.86 7.19
CA SER A 333 -2.94 15.38 8.50
C SER A 333 -2.24 14.27 9.28
N THR A 334 -1.99 13.15 8.60
CA THR A 334 -1.32 12.00 9.22
C THR A 334 0.08 11.75 8.62
N GLY A 335 0.49 12.59 7.66
CA GLY A 335 1.81 12.52 7.07
C GLY A 335 1.79 12.04 5.63
N THR A 336 2.96 11.72 5.09
CA THR A 336 3.02 11.21 3.74
C THR A 336 2.61 9.74 3.74
N VAL A 337 1.85 9.33 2.74
CA VAL A 337 1.45 7.95 2.62
C VAL A 337 1.72 7.54 1.18
N MET A 338 2.65 6.62 1.02
CA MET A 338 2.96 6.12 -0.30
C MET A 338 2.04 4.94 -0.50
N GLY A 339 0.90 5.24 -1.15
CA GLY A 339 -0.13 4.23 -1.43
C GLY A 339 0.11 3.60 -2.77
N ALA A 340 -0.90 2.91 -3.29
CA ALA A 340 -0.78 2.22 -4.59
C ALA A 340 -0.25 3.10 -5.70
N VAL A 341 -0.60 4.40 -5.68
CA VAL A 341 -0.06 5.35 -6.66
C VAL A 341 1.47 5.19 -6.79
N ILE A 342 2.16 5.24 -5.67
CA ILE A 342 3.59 5.00 -5.64
C ILE A 342 3.88 3.52 -5.96
N MET A 343 3.36 2.61 -5.14
CA MET A 343 3.75 1.19 -5.21
C MET A 343 3.52 0.54 -6.58
N GLU A 344 2.46 0.94 -7.29
CA GLU A 344 2.21 0.42 -8.63
C GLU A 344 3.34 0.69 -9.63
N GLY A 345 4.23 1.63 -9.31
CA GLY A 345 5.38 1.88 -10.18
C GLY A 345 6.55 0.96 -9.93
N PHE A 346 6.52 0.26 -8.79
CA PHE A 346 7.72 -0.41 -8.30
C PHE A 346 7.51 -1.79 -7.75
N TYR A 347 8.58 -2.57 -7.76
CA TYR A 347 8.62 -3.79 -6.97
C TYR A 347 9.13 -3.36 -5.60
N VAL A 348 8.38 -3.67 -4.55
CA VAL A 348 8.69 -3.16 -3.21
C VAL A 348 8.99 -4.31 -2.26
N VAL A 349 10.19 -4.32 -1.69
CA VAL A 349 10.64 -5.40 -0.80
C VAL A 349 10.62 -4.94 0.67
N PHE A 350 9.79 -5.59 1.46
CA PHE A 350 9.64 -5.23 2.86
C PHE A 350 10.59 -6.13 3.61
N ASP A 351 11.83 -5.66 3.73
CA ASP A 351 12.94 -6.48 4.23
C ASP A 351 13.02 -6.35 5.73
N ARG A 352 12.11 -7.04 6.40
CA ARG A 352 11.95 -6.89 7.84
C ARG A 352 13.20 -7.30 8.64
N ALA A 353 13.83 -8.40 8.24
CA ALA A 353 15.06 -8.90 8.88
C ALA A 353 16.15 -7.83 8.94
N ARG A 354 16.28 -7.03 7.88
CA ARG A 354 17.29 -5.98 7.83
C ARG A 354 16.76 -4.56 8.02
N LYS A 355 15.51 -4.43 8.48
CA LYS A 355 14.92 -3.12 8.77
C LYS A 355 15.06 -2.14 7.62
N ARG A 356 14.71 -2.58 6.40
CA ARG A 356 14.87 -1.71 5.23
C ARG A 356 13.80 -2.02 4.20
N ILE A 357 13.46 -1.03 3.36
CA ILE A 357 12.51 -1.25 2.25
C ILE A 357 13.25 -1.10 0.91
N GLY A 358 13.17 -2.11 0.05
CA GLY A 358 13.78 -2.04 -1.28
C GLY A 358 12.79 -1.62 -2.34
N PHE A 359 13.26 -0.78 -3.27
CA PHE A 359 12.49 -0.37 -4.44
C PHE A 359 13.28 -0.69 -5.71
N ALA A 360 12.59 -1.25 -6.70
CA ALA A 360 13.14 -1.42 -8.06
C ALA A 360 12.02 -1.16 -9.06
N VAL A 361 12.39 -0.78 -10.28
CA VAL A 361 11.39 -0.58 -11.32
C VAL A 361 10.60 -1.90 -11.49
N SER A 362 9.27 -1.81 -11.45
CA SER A 362 8.41 -2.97 -11.63
C SER A 362 8.36 -3.40 -13.10
N ALA A 363 8.49 -4.71 -13.33
CA ALA A 363 8.42 -5.23 -14.68
C ALA A 363 7.01 -5.08 -15.30
N CYS A 364 6.03 -4.69 -14.47
CA CYS A 364 4.63 -4.64 -14.88
C CYS A 364 4.05 -3.22 -14.94
N HIS A 365 4.81 -2.22 -14.51
CA HIS A 365 4.22 -0.88 -14.35
C HIS A 365 3.72 -0.25 -15.65
N VAL A 366 2.65 0.54 -15.54
CA VAL A 366 2.04 1.24 -16.66
C VAL A 366 2.81 2.50 -17.04
N HIS A 367 3.24 2.57 -18.30
CA HIS A 367 3.97 3.73 -18.84
C HIS A 367 3.65 3.97 -20.32
N ASP A 368 4.33 4.94 -20.94
CA ASP A 368 4.26 5.14 -22.40
C ASP A 368 5.62 4.96 -23.06
N GLU A 369 5.75 5.40 -24.31
CA GLU A 369 6.97 5.22 -25.09
C GLU A 369 8.02 6.30 -24.84
N PHE A 370 7.62 7.39 -24.18
CA PHE A 370 8.51 8.51 -23.88
C PHE A 370 9.17 8.40 -22.48
N ARG A 371 8.38 8.05 -21.46
CA ARG A 371 8.86 8.04 -20.06
C ARG A 371 8.49 6.74 -19.33
N THR A 372 9.40 6.24 -18.48
CA THR A 372 9.12 5.11 -17.57
C THR A 372 9.45 5.46 -16.12
N ALA A 373 8.86 4.73 -15.17
CA ALA A 373 9.25 4.88 -13.76
C ALA A 373 10.73 4.53 -13.60
N ALA A 374 11.36 5.08 -12.57
CA ALA A 374 12.79 4.91 -12.42
C ALA A 374 13.20 4.79 -10.95
N VAL A 375 14.23 4.01 -10.70
CA VAL A 375 14.91 3.97 -9.40
C VAL A 375 16.40 4.21 -9.68
N GLU A 376 16.90 5.35 -9.22
CA GLU A 376 18.28 5.78 -9.52
C GLU A 376 19.02 6.25 -8.27
N GLY A 377 20.32 6.00 -8.24
CA GLY A 377 21.21 6.45 -7.17
C GLY A 377 22.65 6.13 -7.55
N PRO A 378 23.61 6.45 -6.67
CA PRO A 378 23.37 7.16 -5.41
C PRO A 378 23.44 8.67 -5.61
N PHE A 379 22.82 9.40 -4.70
CA PHE A 379 23.00 10.83 -4.65
C PHE A 379 23.62 11.22 -3.32
N VAL A 380 24.30 12.36 -3.29
CA VAL A 380 24.85 12.95 -2.06
C VAL A 380 23.81 13.88 -1.45
N THR A 381 23.34 13.53 -0.25
CA THR A 381 22.38 14.37 0.46
C THR A 381 22.81 14.50 1.91
N LEU A 382 23.00 15.72 2.37
CA LEU A 382 23.47 15.98 3.74
C LEU A 382 22.30 16.30 4.68
N ASP A 383 22.50 16.09 5.99
CA ASP A 383 21.52 16.45 7.02
C ASP A 383 20.18 15.72 6.77
N MET A 384 20.29 14.49 6.31
CA MET A 384 19.13 13.62 6.12
C MET A 384 18.46 13.25 7.44
N GLU A 385 19.21 13.23 8.54
CA GLU A 385 18.63 12.92 9.87
C GLU A 385 17.68 14.04 10.31
N ASP A 386 17.98 15.27 9.90
CA ASP A 386 17.11 16.41 10.21
C ASP A 386 15.73 16.34 9.58
N CYS A 387 15.57 15.44 8.61
CA CYS A 387 14.33 15.33 7.85
C CYS A 387 13.23 14.58 8.62
N GLY A 388 13.63 13.77 9.58
CA GLY A 388 12.71 13.00 10.40
C GLY A 388 12.08 13.87 11.48
N TYR A 389 10.80 13.61 11.76
CA TYR A 389 10.06 14.37 12.77
C TYR A 389 10.01 13.62 14.09
N ASN A 390 10.17 14.36 15.19
CA ASN A 390 10.18 13.78 16.55
C ASN A 390 8.94 14.09 17.38
C4 5T6 B . -7.44 0.05 8.00
C5 5T6 B . -8.39 0.23 5.75
C7 5T6 B . -7.18 2.16 6.68
C8 5T6 B . -7.87 -1.12 10.52
C10 5T6 B . -8.34 0.39 4.37
C13 5T6 B . -9.40 0.04 3.55
C15 5T6 B . -9.28 0.27 2.09
C17 5T6 B . -7.09 -1.28 8.24
C24 5T6 B . -10.41 0.65 1.35
C26 5T6 B . -9.13 0.78 -0.61
C28 5T6 B . -10.58 -0.48 4.10
F22 5T6 B . -6.36 -0.81 12.85
C14 5T6 B . -7.41 -1.68 12.91
F21 5T6 B . -7.06 -2.98 13.17
O11 5T6 B . -8.08 -1.77 11.68
C12 5T6 B . -8.25 0.21 10.29
C30 5T6 B . -8.88 1.05 11.38
C9 5T6 B . -8.03 0.78 9.04
C19 5T6 B . -7.30 -1.86 9.48
C1 5T6 B . -7.22 0.63 6.62
N2 5T6 B . -5.93 0.23 6.03
C3 5T6 B . -5.17 1.22 5.86
N20 5T6 B . -3.91 1.16 5.42
O6 5T6 B . -5.85 2.45 6.22
C27 5T6 B . -9.57 -0.30 6.30
C29 5T6 B . -10.65 -0.66 5.48
C18 5T6 B . -8.04 0.15 1.44
N16 5T6 B . -10.29 0.89 0.03
C23 5T6 B . -7.98 0.40 0.08
CL 5T6 B . -6.43 0.26 -0.82
S DMS C . -5.24 -12.02 -11.89
O DMS C . -4.45 -12.41 -10.31
C1 DMS C . -6.35 -13.38 -12.35
C2 DMS C . -6.44 -10.67 -11.69
NA NA D . 11.27 -19.04 11.91
NA NA E . 15.04 -8.61 -12.63
#